data_5I6S
#
_entry.id   5I6S
#
_cell.length_a   83.819
_cell.length_b   83.819
_cell.length_c   89.044
_cell.angle_alpha   90.00
_cell.angle_beta   90.00
_cell.angle_gamma   90.00
#
_symmetry.space_group_name_H-M   'P 41 21 2'
#
loop_
_entity.id
_entity.type
_entity.pdbx_description
1 polymer endoglucanase
2 branched beta-D-mannopyranose-(1-4)-2-acetamido-2-deoxy-beta-D-glucopyranose-(1-4)-2-acetamido-2-deoxy-beta-D-glucopyranose
3 water water
#
_entity_poly.entity_id   1
_entity_poly.type   'polypeptide(L)'
_entity_poly.pdbx_seq_one_letter_code
;ASSFEWFGSNESGAEFGSGNIPGVEGTDYTFPNTTAIQILIDAGMNIFRVPFLMERMIPTEMTGSLDTAYFEGYSEVINY
ITGKGAHAVVDPHNFGRYYGTPISSTSDFQTFWSTLASQFKSNDLVIFDTNNEYHDMDESVVVALNQAAIDGIRDAGATT
QYIFVEGNAYSGAWTWTTYNTAMVNLTDPSDLIVYEMHQYLDSDGSGTSDQCVSSTVGQERVVDATTWLQSNGKLGILGE
FAGGANSVCEEAVEGMLDYLAENSDVWLGASWWSAGPWWQDYIYSMEPPNGIAYESYLSILETYF
;
_entity_poly.pdbx_strand_id   A
#
loop_
_chem_comp.id
_chem_comp.type
_chem_comp.name
_chem_comp.formula
BMA D-saccharide, beta linking beta-D-mannopyranose 'C6 H12 O6'
NAG D-saccharide, beta linking 2-acetamido-2-deoxy-beta-D-glucopyranose 'C8 H15 N O6'
#
# COMPACT_ATOMS: atom_id res chain seq x y z
N ALA A 1 6.85 23.13 5.35
CA ALA A 1 5.67 22.38 5.79
C ALA A 1 5.92 20.87 5.68
N SER A 2 5.21 20.24 4.75
CA SER A 2 5.26 18.79 4.63
C SER A 2 6.62 18.35 4.08
N SER A 3 7.19 17.32 4.71
CA SER A 3 8.43 16.73 4.18
C SER A 3 8.18 16.01 2.86
N PHE A 4 6.98 15.49 2.65
CA PHE A 4 6.63 14.75 1.45
C PHE A 4 5.29 15.24 0.93
N GLU A 5 4.90 14.71 -0.23
CA GLU A 5 3.55 14.93 -0.73
C GLU A 5 2.53 14.19 0.11
N TRP A 6 2.90 13.03 0.65
CA TRP A 6 1.98 12.10 1.29
C TRP A 6 2.58 11.52 2.57
N PHE A 7 1.81 11.55 3.65
CA PHE A 7 2.19 10.82 4.85
C PHE A 7 0.94 10.30 5.53
N GLY A 8 0.91 9.00 5.83
CA GLY A 8 -0.31 8.45 6.41
C GLY A 8 -0.21 7.01 6.85
N SER A 9 -1.28 6.25 6.61
CA SER A 9 -1.32 4.95 7.25
C SER A 9 -2.18 3.99 6.42
N ASN A 10 -1.83 2.71 6.54
CA ASN A 10 -2.71 1.64 6.12
C ASN A 10 -3.86 1.51 7.11
N GLU A 11 -5.01 1.08 6.59
CA GLU A 11 -6.22 0.87 7.38
C GLU A 11 -6.73 -0.54 7.08
N SER A 12 -6.38 -1.50 7.96
CA SER A 12 -6.60 -2.92 7.74
C SER A 12 -7.91 -3.37 8.37
N GLY A 13 -8.38 -4.53 7.89
CA GLY A 13 -9.56 -5.18 8.43
C GLY A 13 -10.34 -5.93 7.36
N ALA A 14 -10.51 -5.31 6.20
CA ALA A 14 -11.26 -5.92 5.10
C ALA A 14 -10.54 -7.13 4.52
N GLU A 15 -9.23 -7.27 4.77
CA GLU A 15 -8.41 -8.37 4.29
C GLU A 15 -8.16 -9.44 5.37
N PHE A 16 -8.65 -9.25 6.58
CA PHE A 16 -8.42 -10.23 7.63
C PHE A 16 -9.09 -11.57 7.29
N GLY A 17 -8.68 -12.61 8.00
CA GLY A 17 -9.27 -13.94 7.88
C GLY A 17 -9.39 -14.44 6.46
N SER A 18 -8.32 -14.28 5.68
CA SER A 18 -8.38 -14.69 4.28
C SER A 18 -8.50 -16.20 4.11
N GLY A 19 -8.43 -17.00 5.19
CA GLY A 19 -8.77 -18.40 5.07
C GLY A 19 -10.25 -18.65 4.87
N ASN A 20 -11.08 -17.64 5.13
CA ASN A 20 -12.53 -17.72 5.05
C ASN A 20 -13.03 -16.83 3.91
N ILE A 21 -13.34 -17.46 2.77
CA ILE A 21 -13.84 -16.77 1.59
C ILE A 21 -15.19 -17.36 1.19
N PRO A 22 -16.24 -16.54 1.06
CA PRO A 22 -16.30 -15.08 1.24
C PRO A 22 -16.09 -14.62 2.67
N GLY A 23 -16.38 -15.49 3.64
CA GLY A 23 -16.30 -15.10 5.04
C GLY A 23 -17.45 -14.21 5.45
N VAL A 24 -17.56 -13.92 6.74
CA VAL A 24 -18.67 -13.14 7.28
C VAL A 24 -18.13 -11.86 7.91
N GLU A 25 -18.75 -10.72 7.59
CA GLU A 25 -18.35 -9.45 8.16
C GLU A 25 -18.66 -9.42 9.65
N GLY A 26 -17.73 -8.85 10.43
CA GLY A 26 -17.80 -8.88 11.87
C GLY A 26 -17.26 -10.14 12.50
N THR A 27 -17.09 -11.22 11.73
CA THR A 27 -16.52 -12.46 12.22
C THR A 27 -15.14 -12.70 11.63
N ASP A 28 -15.02 -12.71 10.31
CA ASP A 28 -13.75 -13.00 9.65
C ASP A 28 -12.99 -11.74 9.24
N TYR A 29 -13.71 -10.68 8.88
CA TYR A 29 -13.12 -9.42 8.46
C TYR A 29 -14.01 -8.29 8.96
N THR A 30 -13.48 -7.06 8.91
CA THR A 30 -14.24 -5.88 9.27
C THR A 30 -13.82 -4.72 8.36
N PHE A 31 -14.63 -3.70 8.34
CA PHE A 31 -14.11 -2.56 7.60
C PHE A 31 -13.55 -1.53 8.56
N PRO A 32 -12.59 -0.71 8.12
CA PRO A 32 -11.98 0.29 9.01
C PRO A 32 -13.00 1.25 9.59
N ASN A 33 -12.59 1.90 10.67
CA ASN A 33 -13.46 2.72 11.50
C ASN A 33 -13.23 4.19 11.13
N THR A 34 -14.24 4.83 10.54
CA THR A 34 -14.06 6.18 10.02
C THR A 34 -13.78 7.20 11.12
N THR A 35 -14.24 6.93 12.35
CA THR A 35 -13.94 7.85 13.45
C THR A 35 -12.45 7.84 13.80
N ALA A 36 -11.84 6.64 13.83
CA ALA A 36 -10.40 6.55 14.06
C ALA A 36 -9.60 7.14 12.89
N ILE A 37 -10.04 6.87 11.66
CA ILE A 37 -9.47 7.53 10.48
C ILE A 37 -9.47 9.04 10.67
N GLN A 38 -10.63 9.60 11.06
CA GLN A 38 -10.73 11.05 11.28
C GLN A 38 -9.76 11.52 12.35
N ILE A 39 -9.52 10.71 13.37
CA ILE A 39 -8.50 11.06 14.36
C ILE A 39 -7.16 11.22 13.66
N LEU A 40 -6.81 10.28 12.78
CA LEU A 40 -5.52 10.37 12.08
C LEU A 40 -5.48 11.56 11.11
N ILE A 41 -6.60 11.86 10.45
CA ILE A 41 -6.68 13.04 9.58
C ILE A 41 -6.46 14.31 10.39
N ASP A 42 -7.13 14.42 11.54
CA ASP A 42 -6.94 15.59 12.39
C ASP A 42 -5.50 15.71 12.85
N ALA A 43 -4.80 14.58 13.06
CA ALA A 43 -3.38 14.67 13.39
C ALA A 43 -2.54 15.15 12.21
N GLY A 44 -3.08 15.15 10.99
CA GLY A 44 -2.37 15.63 9.83
C GLY A 44 -2.05 14.58 8.75
N MET A 45 -2.49 13.33 8.92
CA MET A 45 -2.27 12.32 7.89
C MET A 45 -3.19 12.57 6.69
N ASN A 46 -2.63 12.46 5.49
CA ASN A 46 -3.37 12.79 4.28
C ASN A 46 -3.43 11.65 3.26
N ILE A 47 -3.05 10.44 3.64
CA ILE A 47 -3.16 9.30 2.74
C ILE A 47 -3.41 8.04 3.56
N PHE A 48 -4.37 7.23 3.08
CA PHE A 48 -4.73 6.00 3.78
C PHE A 48 -4.87 4.88 2.76
N ARG A 49 -4.10 3.82 2.95
CA ARG A 49 -4.15 2.65 2.09
C ARG A 49 -5.09 1.62 2.70
N VAL A 50 -6.04 1.13 1.92
CA VAL A 50 -7.11 0.27 2.42
C VAL A 50 -7.03 -1.09 1.74
N PRO A 51 -6.52 -2.10 2.44
CA PRO A 51 -6.50 -3.47 1.89
C PRO A 51 -7.88 -4.10 1.78
N PHE A 52 -8.00 -4.99 0.79
CA PHE A 52 -9.19 -5.83 0.63
C PHE A 52 -8.81 -7.07 -0.17
N LEU A 53 -9.68 -8.08 -0.14
CA LEU A 53 -9.44 -9.31 -0.88
C LEU A 53 -10.16 -9.31 -2.23
N MET A 54 -9.40 -9.62 -3.30
CA MET A 54 -9.99 -9.75 -4.63
C MET A 54 -11.16 -10.73 -4.64
N GLU A 55 -11.01 -11.86 -3.94
CA GLU A 55 -12.05 -12.89 -3.96
C GLU A 55 -13.33 -12.42 -3.29
N ARG A 56 -13.23 -11.53 -2.30
CA ARG A 56 -14.43 -10.97 -1.68
C ARG A 56 -15.02 -9.84 -2.52
N MET A 57 -14.19 -9.14 -3.27
CA MET A 57 -14.65 -8.02 -4.07
C MET A 57 -15.33 -8.50 -5.36
N ILE A 58 -14.67 -9.40 -6.09
CA ILE A 58 -15.23 -9.99 -7.31
C ILE A 58 -15.12 -11.52 -7.19
N PRO A 59 -16.16 -12.18 -6.68
CA PRO A 59 -16.06 -13.61 -6.39
C PRO A 59 -16.05 -14.49 -7.63
N THR A 60 -15.67 -15.74 -7.41
CA THR A 60 -15.70 -16.83 -8.40
C THR A 60 -14.69 -16.64 -9.52
N GLU A 61 -14.94 -15.70 -10.42
CA GLU A 61 -14.00 -15.34 -11.47
C GLU A 61 -13.69 -13.86 -11.33
N MET A 62 -12.44 -13.47 -11.58
CA MET A 62 -12.13 -12.06 -11.49
C MET A 62 -12.70 -11.25 -12.66
N THR A 63 -13.31 -11.92 -13.63
CA THR A 63 -14.04 -11.27 -14.72
C THR A 63 -15.50 -11.03 -14.38
N GLY A 64 -15.95 -11.40 -13.19
CA GLY A 64 -17.35 -11.30 -12.83
C GLY A 64 -17.76 -9.93 -12.30
N SER A 65 -18.94 -9.90 -11.71
CA SER A 65 -19.50 -8.70 -11.12
C SER A 65 -19.03 -8.54 -9.67
N LEU A 66 -19.25 -7.35 -9.14
CA LEU A 66 -18.85 -7.01 -7.78
C LEU A 66 -19.88 -7.54 -6.77
N ASP A 67 -19.37 -8.02 -5.64
CA ASP A 67 -20.22 -8.34 -4.50
C ASP A 67 -20.74 -7.04 -3.88
N THR A 68 -22.08 -6.89 -3.88
CA THR A 68 -22.66 -5.61 -3.50
C THR A 68 -22.30 -5.23 -2.06
N ALA A 69 -22.45 -6.15 -1.12
CA ALA A 69 -22.20 -5.82 0.28
C ALA A 69 -20.74 -5.43 0.51
N TYR A 70 -19.81 -6.18 -0.09
CA TYR A 70 -18.40 -5.95 0.15
C TYR A 70 -17.94 -4.65 -0.51
N PHE A 71 -18.40 -4.40 -1.74
CA PHE A 71 -18.07 -3.14 -2.39
C PHE A 71 -18.67 -1.96 -1.65
N GLU A 72 -19.90 -2.11 -1.15
CA GLU A 72 -20.54 -1.01 -0.43
C GLU A 72 -19.81 -0.68 0.87
N GLY A 73 -19.53 -1.70 1.69
CA GLY A 73 -18.79 -1.45 2.92
C GLY A 73 -17.41 -0.88 2.67
N TYR A 74 -16.73 -1.36 1.63
CA TYR A 74 -15.38 -0.89 1.32
C TYR A 74 -15.39 0.55 0.81
N SER A 75 -16.20 0.81 -0.20
CA SER A 75 -16.26 2.14 -0.80
C SER A 75 -16.85 3.18 0.14
N GLU A 76 -17.62 2.76 1.17
CA GLU A 76 -17.97 3.71 2.22
C GLU A 76 -16.72 4.28 2.88
N VAL A 77 -15.71 3.43 3.13
CA VAL A 77 -14.45 3.87 3.71
C VAL A 77 -13.68 4.73 2.72
N ILE A 78 -13.56 4.27 1.46
CA ILE A 78 -12.85 5.04 0.44
C ILE A 78 -13.45 6.44 0.31
N ASN A 79 -14.77 6.52 0.19
CA ASN A 79 -15.45 7.78 -0.01
C ASN A 79 -15.44 8.66 1.24
N TYR A 80 -15.36 8.06 2.43
CA TYR A 80 -15.12 8.87 3.62
C TYR A 80 -13.74 9.53 3.57
N ILE A 81 -12.72 8.76 3.18
CA ILE A 81 -11.37 9.32 3.14
C ILE A 81 -11.28 10.46 2.13
N THR A 82 -11.72 10.19 0.88
CA THR A 82 -11.60 11.22 -0.14
C THR A 82 -12.55 12.38 0.10
N GLY A 83 -13.71 12.12 0.73
CA GLY A 83 -14.62 13.19 1.06
C GLY A 83 -14.05 14.20 2.04
N LYS A 84 -13.08 13.77 2.85
CA LYS A 84 -12.37 14.69 3.74
C LYS A 84 -11.17 15.35 3.08
N GLY A 85 -10.89 15.03 1.83
CA GLY A 85 -9.80 15.68 1.12
C GLY A 85 -8.47 14.93 1.12
N ALA A 86 -8.42 13.72 1.68
CA ALA A 86 -7.21 12.91 1.68
C ALA A 86 -7.27 11.88 0.54
N HIS A 87 -6.11 11.31 0.22
CA HIS A 87 -6.05 10.26 -0.80
C HIS A 87 -6.32 8.90 -0.18
N ALA A 88 -7.04 8.07 -0.94
CA ALA A 88 -7.40 6.71 -0.53
C ALA A 88 -6.81 5.74 -1.54
N VAL A 89 -5.95 4.84 -1.05
CA VAL A 89 -5.30 3.86 -1.92
C VAL A 89 -6.10 2.56 -1.90
N VAL A 90 -6.59 2.16 -3.06
CA VAL A 90 -7.39 0.94 -3.20
C VAL A 90 -6.44 -0.24 -3.36
N ASP A 91 -6.32 -1.08 -2.31
CA ASP A 91 -5.27 -2.09 -2.26
C ASP A 91 -5.81 -3.52 -2.35
N PRO A 92 -5.81 -4.16 -3.54
CA PRO A 92 -6.06 -5.61 -3.60
C PRO A 92 -4.94 -6.40 -2.93
N HIS A 93 -5.17 -6.78 -1.67
CA HIS A 93 -4.15 -7.37 -0.80
C HIS A 93 -3.99 -8.87 -1.08
N ASN A 94 -3.51 -9.19 -2.28
CA ASN A 94 -3.62 -10.56 -2.78
C ASN A 94 -2.31 -11.23 -3.19
N PHE A 95 -1.16 -10.56 -3.03
CA PHE A 95 0.15 -11.18 -3.24
C PHE A 95 0.30 -11.77 -4.65
N GLY A 96 -0.38 -11.17 -5.63
CA GLY A 96 -0.34 -11.67 -6.99
C GLY A 96 -1.16 -12.92 -7.24
N ARG A 97 -1.89 -13.42 -6.25
CA ARG A 97 -2.61 -14.68 -6.36
C ARG A 97 -4.11 -14.47 -6.21
N TYR A 98 -4.87 -15.43 -6.74
CA TYR A 98 -6.32 -15.36 -6.76
C TYR A 98 -6.85 -16.75 -6.47
N TYR A 99 -7.52 -16.92 -5.33
CA TYR A 99 -7.85 -18.24 -4.80
C TYR A 99 -6.60 -19.09 -4.63
N GLY A 100 -5.49 -18.44 -4.23
CA GLY A 100 -4.25 -19.10 -3.90
C GLY A 100 -3.30 -19.34 -5.06
N THR A 101 -3.79 -19.29 -6.29
CA THR A 101 -3.01 -19.59 -7.48
C THR A 101 -2.44 -18.29 -8.07
N PRO A 102 -1.15 -18.25 -8.40
CA PRO A 102 -0.58 -17.06 -9.03
C PRO A 102 -1.37 -16.66 -10.27
N ILE A 103 -1.67 -15.37 -10.39
CA ILE A 103 -2.42 -14.89 -11.54
C ILE A 103 -1.58 -15.04 -12.80
N SER A 104 -2.21 -15.56 -13.87
CA SER A 104 -1.44 -15.90 -15.06
C SER A 104 -2.09 -15.47 -16.37
N SER A 105 -3.19 -14.72 -16.32
CA SER A 105 -3.77 -14.16 -17.54
C SER A 105 -3.98 -12.67 -17.32
N THR A 106 -3.33 -11.86 -18.17
CA THR A 106 -3.45 -10.42 -18.02
C THR A 106 -4.85 -9.94 -18.36
N SER A 107 -5.59 -10.71 -19.16
CA SER A 107 -6.94 -10.28 -19.56
CA SER A 107 -6.94 -10.28 -19.56
C SER A 107 -7.90 -10.30 -18.37
N ASP A 108 -7.88 -11.39 -17.62
CA ASP A 108 -8.77 -11.48 -16.46
C ASP A 108 -8.40 -10.40 -15.44
N PHE A 109 -7.10 -10.16 -15.24
CA PHE A 109 -6.66 -9.12 -14.32
C PHE A 109 -7.11 -7.75 -14.80
N GLN A 110 -6.95 -7.48 -16.10
CA GLN A 110 -7.34 -6.19 -16.64
C GLN A 110 -8.84 -5.97 -16.53
N THR A 111 -9.63 -7.02 -16.78
CA THR A 111 -11.08 -6.92 -16.64
C THR A 111 -11.49 -6.73 -15.18
N PHE A 112 -10.80 -7.41 -14.26
CA PHE A 112 -10.96 -7.12 -12.84
C PHE A 112 -10.78 -5.63 -12.58
N TRP A 113 -9.68 -5.07 -13.11
CA TRP A 113 -9.32 -3.69 -12.80
C TRP A 113 -10.23 -2.68 -13.49
N SER A 114 -10.76 -3.00 -14.67
CA SER A 114 -11.78 -2.16 -15.27
C SER A 114 -13.04 -2.16 -14.43
N THR A 115 -13.49 -3.35 -14.03
CA THR A 115 -14.69 -3.46 -13.21
C THR A 115 -14.55 -2.63 -11.93
N LEU A 116 -13.40 -2.74 -11.25
CA LEU A 116 -13.22 -2.03 -9.99
C LEU A 116 -13.06 -0.54 -10.21
N ALA A 117 -12.17 -0.16 -11.14
CA ALA A 117 -11.86 1.25 -11.34
C ALA A 117 -13.07 2.04 -11.85
N SER A 118 -13.92 1.40 -12.68
CA SER A 118 -15.09 2.12 -13.19
C SER A 118 -15.92 2.71 -12.06
N GLN A 119 -15.87 2.09 -10.88
CA GLN A 119 -16.64 2.57 -9.74
C GLN A 119 -16.04 3.80 -9.08
N PHE A 120 -14.78 4.14 -9.37
CA PHE A 120 -14.13 5.31 -8.79
C PHE A 120 -13.63 6.30 -9.83
N LYS A 121 -14.01 6.11 -11.10
CA LYS A 121 -13.27 6.73 -12.21
C LYS A 121 -13.28 8.26 -12.15
N SER A 122 -14.32 8.86 -11.58
CA SER A 122 -14.40 10.31 -11.51
C SER A 122 -13.98 10.87 -10.15
N ASN A 123 -13.30 10.05 -9.33
CA ASN A 123 -12.79 10.46 -8.02
C ASN A 123 -11.30 10.68 -8.15
N ASP A 124 -10.88 11.95 -8.22
CA ASP A 124 -9.48 12.31 -8.45
C ASP A 124 -8.57 11.98 -7.28
N LEU A 125 -9.11 11.68 -6.11
CA LEU A 125 -8.33 11.41 -4.92
C LEU A 125 -8.14 9.93 -4.63
N VAL A 126 -8.75 9.05 -5.44
CA VAL A 126 -8.46 7.62 -5.30
C VAL A 126 -7.11 7.32 -5.94
N ILE A 127 -6.37 6.40 -5.32
CA ILE A 127 -5.12 5.87 -5.86
C ILE A 127 -5.29 4.36 -6.03
N PHE A 128 -5.02 3.86 -7.23
CA PHE A 128 -5.16 2.44 -7.50
C PHE A 128 -3.82 1.73 -7.32
N ASP A 129 -3.83 0.66 -6.53
CA ASP A 129 -2.66 -0.13 -6.18
C ASP A 129 -2.79 -1.50 -6.86
N THR A 130 -1.89 -1.83 -7.79
CA THR A 130 -2.16 -2.94 -8.71
C THR A 130 -2.35 -4.25 -7.93
N ASN A 131 -1.46 -4.54 -6.98
CA ASN A 131 -1.61 -5.69 -6.12
C ASN A 131 -0.59 -5.59 -5.00
N ASN A 132 -0.96 -6.02 -3.80
CA ASN A 132 -0.04 -6.00 -2.67
C ASN A 132 1.00 -7.12 -2.81
N GLU A 133 2.27 -6.74 -2.88
CA GLU A 133 3.42 -7.62 -2.68
C GLU A 133 3.34 -8.90 -3.51
N TYR A 134 3.52 -8.74 -4.83
CA TYR A 134 3.81 -9.90 -5.65
C TYR A 134 5.02 -10.64 -5.09
N HIS A 135 5.02 -11.97 -5.21
CA HIS A 135 6.16 -12.72 -4.70
C HIS A 135 6.15 -14.13 -5.28
N ASP A 136 7.35 -14.64 -5.53
CA ASP A 136 7.56 -16.00 -6.03
C ASP A 136 6.75 -16.26 -7.29
N MET A 137 6.98 -15.39 -8.28
CA MET A 137 6.34 -15.45 -9.58
C MET A 137 7.38 -15.06 -10.62
N ASP A 138 7.05 -15.31 -11.89
CA ASP A 138 7.95 -14.94 -12.98
C ASP A 138 7.97 -13.42 -13.12
N GLU A 139 9.17 -12.82 -12.98
CA GLU A 139 9.30 -11.36 -12.99
C GLU A 139 8.64 -10.73 -14.21
N SER A 140 8.79 -11.34 -15.38
CA SER A 140 8.13 -10.79 -16.56
C SER A 140 6.62 -10.89 -16.42
N VAL A 141 6.12 -11.87 -15.67
CA VAL A 141 4.68 -11.95 -15.44
C VAL A 141 4.24 -10.85 -14.46
N VAL A 142 5.03 -10.59 -13.42
CA VAL A 142 4.71 -9.49 -12.50
C VAL A 142 4.61 -8.17 -13.27
N VAL A 143 5.62 -7.89 -14.11
CA VAL A 143 5.58 -6.69 -14.95
C VAL A 143 4.32 -6.67 -15.81
N ALA A 144 4.00 -7.81 -16.43
CA ALA A 144 2.82 -7.86 -17.30
C ALA A 144 1.52 -7.65 -16.53
N LEU A 145 1.46 -8.07 -15.27
CA LEU A 145 0.26 -7.83 -14.48
C LEU A 145 0.15 -6.36 -14.10
N ASN A 146 1.26 -5.72 -13.75
CA ASN A 146 1.20 -4.28 -13.50
C ASN A 146 0.73 -3.53 -14.73
N GLN A 147 1.22 -3.93 -15.92
CA GLN A 147 0.80 -3.23 -17.12
C GLN A 147 -0.69 -3.48 -17.41
N ALA A 148 -1.15 -4.71 -17.22
CA ALA A 148 -2.57 -4.99 -17.45
C ALA A 148 -3.47 -4.25 -16.47
N ALA A 149 -3.01 -4.08 -15.23
CA ALA A 149 -3.74 -3.25 -14.28
C ALA A 149 -3.84 -1.82 -14.80
N ILE A 150 -2.70 -1.24 -15.21
CA ILE A 150 -2.71 0.11 -15.75
C ILE A 150 -3.69 0.23 -16.93
N ASP A 151 -3.61 -0.73 -17.87
CA ASP A 151 -4.46 -0.67 -19.07
C ASP A 151 -5.93 -0.76 -18.71
N GLY A 152 -6.31 -1.72 -17.86
CA GLY A 152 -7.70 -1.83 -17.46
C GLY A 152 -8.21 -0.59 -16.73
N ILE A 153 -7.34 -0.01 -15.90
CA ILE A 153 -7.71 1.20 -15.15
C ILE A 153 -7.99 2.35 -16.09
N ARG A 154 -7.03 2.68 -16.97
CA ARG A 154 -7.25 3.79 -17.88
C ARG A 154 -8.41 3.53 -18.84
N ASP A 155 -8.55 2.29 -19.31
CA ASP A 155 -9.66 1.97 -20.21
C ASP A 155 -11.01 2.03 -19.52
N ALA A 156 -11.06 1.90 -18.19
CA ALA A 156 -12.32 2.11 -17.49
C ALA A 156 -12.75 3.57 -17.48
N GLY A 157 -11.89 4.48 -17.93
CA GLY A 157 -12.16 5.90 -17.82
C GLY A 157 -11.60 6.55 -16.58
N ALA A 158 -10.71 5.87 -15.86
CA ALA A 158 -10.10 6.42 -14.65
C ALA A 158 -8.69 6.87 -15.01
N THR A 159 -8.61 8.05 -15.61
CA THR A 159 -7.37 8.56 -16.17
C THR A 159 -6.68 9.62 -15.30
N THR A 160 -7.35 10.14 -14.28
CA THR A 160 -6.78 11.21 -13.47
C THR A 160 -6.15 10.73 -12.18
N GLN A 161 -6.33 9.45 -11.83
CA GLN A 161 -5.80 8.92 -10.59
C GLN A 161 -4.35 8.46 -10.77
N TYR A 162 -3.57 8.59 -9.70
CA TYR A 162 -2.28 7.92 -9.65
C TYR A 162 -2.47 6.40 -9.60
N ILE A 163 -1.46 5.68 -10.06
CA ILE A 163 -1.41 4.23 -10.00
C ILE A 163 -0.15 3.84 -9.25
N PHE A 164 -0.31 3.14 -8.13
CA PHE A 164 0.82 2.57 -7.41
C PHE A 164 1.08 1.18 -7.96
N VAL A 165 2.27 0.97 -8.53
CA VAL A 165 2.67 -0.36 -9.01
C VAL A 165 3.56 -0.99 -7.96
N GLU A 166 3.53 -2.33 -7.89
CA GLU A 166 4.32 -3.07 -6.91
C GLU A 166 5.13 -4.14 -7.61
N GLY A 167 6.32 -4.40 -7.07
CA GLY A 167 7.22 -5.37 -7.67
C GLY A 167 7.11 -6.75 -7.05
N ASN A 168 7.94 -7.66 -7.58
CA ASN A 168 8.15 -8.99 -7.04
C ASN A 168 8.91 -8.89 -5.71
N ALA A 169 9.16 -10.04 -5.11
CA ALA A 169 9.89 -10.16 -3.84
C ALA A 169 9.33 -9.20 -2.79
N TYR A 170 8.00 -9.16 -2.71
CA TYR A 170 7.25 -8.39 -1.71
C TYR A 170 7.54 -6.88 -1.82
N SER A 171 7.90 -6.43 -3.03
CA SER A 171 8.13 -5.03 -3.36
C SER A 171 9.03 -4.36 -2.31
N GLY A 172 10.06 -5.06 -1.86
CA GLY A 172 10.95 -4.50 -0.87
C GLY A 172 11.93 -3.49 -1.46
N ALA A 173 12.16 -2.40 -0.72
CA ALA A 173 13.15 -1.42 -1.15
C ALA A 173 14.55 -2.00 -1.13
N TRP A 174 14.93 -2.62 -0.01
CA TRP A 174 16.29 -3.11 0.18
C TRP A 174 16.69 -4.21 -0.81
N THR A 175 15.75 -4.73 -1.61
CA THR A 175 16.08 -5.72 -2.61
C THR A 175 15.64 -5.30 -4.00
N TRP A 176 15.22 -4.03 -4.17
CA TRP A 176 14.62 -3.62 -5.44
C TRP A 176 15.56 -3.92 -6.62
N THR A 177 16.79 -3.39 -6.55
CA THR A 177 17.74 -3.60 -7.65
C THR A 177 18.08 -5.08 -7.84
N THR A 178 17.89 -5.92 -6.82
CA THR A 178 18.19 -7.34 -6.99
C THR A 178 17.12 -8.03 -7.81
N TYR A 179 15.86 -7.62 -7.68
CA TYR A 179 14.76 -8.40 -8.21
C TYR A 179 13.86 -7.66 -9.20
N ASN A 180 13.80 -6.32 -9.17
CA ASN A 180 12.76 -5.61 -9.91
C ASN A 180 13.30 -4.55 -10.86
N THR A 181 14.54 -4.70 -11.33
CA THR A 181 15.06 -3.78 -12.35
C THR A 181 14.18 -3.76 -13.59
N ALA A 182 13.52 -4.87 -13.90
CA ALA A 182 12.66 -4.96 -15.08
C ALA A 182 11.37 -4.15 -14.94
N MET A 183 11.08 -3.60 -13.76
CA MET A 183 9.87 -2.80 -13.58
C MET A 183 9.93 -1.42 -14.27
N VAL A 184 11.07 -1.06 -14.89
CA VAL A 184 11.18 0.23 -15.58
C VAL A 184 10.15 0.38 -16.68
N ASN A 185 9.84 -0.71 -17.38
CA ASN A 185 9.20 -0.60 -18.69
C ASN A 185 7.72 -0.24 -18.63
N LEU A 186 7.17 0.03 -17.44
CA LEU A 186 5.75 0.27 -17.32
C LEU A 186 5.35 1.62 -17.94
N THR A 187 4.22 1.64 -18.64
CA THR A 187 3.78 2.82 -19.36
C THR A 187 2.36 3.16 -18.98
N ASP A 188 2.08 4.47 -18.90
CA ASP A 188 0.77 4.98 -18.52
C ASP A 188 0.44 6.14 -19.45
N PRO A 189 -0.67 6.08 -20.21
CA PRO A 189 -1.09 7.27 -20.96
C PRO A 189 -1.19 8.53 -20.12
N SER A 190 -1.84 8.46 -18.96
CA SER A 190 -1.90 9.59 -18.05
C SER A 190 -0.56 9.96 -17.44
N ASP A 191 0.43 9.06 -17.51
CA ASP A 191 1.76 9.27 -16.96
C ASP A 191 1.68 9.62 -15.47
N LEU A 192 1.18 8.66 -14.69
CA LEU A 192 0.96 8.85 -13.25
C LEU A 192 1.42 7.62 -12.46
N ILE A 193 2.53 7.01 -12.89
CA ILE A 193 3.04 5.81 -12.26
C ILE A 193 3.93 6.18 -11.07
N VAL A 194 3.66 5.57 -9.92
CA VAL A 194 4.53 5.66 -8.75
C VAL A 194 4.90 4.25 -8.32
N TYR A 195 6.19 4.02 -8.08
CA TYR A 195 6.69 2.71 -7.68
C TYR A 195 6.57 2.56 -6.16
N GLU A 196 5.59 1.78 -5.73
CA GLU A 196 5.36 1.57 -4.30
C GLU A 196 6.27 0.45 -3.81
N MET A 197 7.14 0.78 -2.87
CA MET A 197 7.99 -0.20 -2.23
C MET A 197 7.64 -0.29 -0.76
N HIS A 198 8.04 -1.40 -0.13
CA HIS A 198 7.84 -1.63 1.28
C HIS A 198 9.20 -1.86 1.94
N GLN A 199 9.30 -1.49 3.22
CA GLN A 199 10.56 -1.66 3.93
C GLN A 199 10.28 -1.91 5.40
N TYR A 200 10.73 -3.06 5.90
CA TYR A 200 10.78 -3.29 7.33
C TYR A 200 12.24 -3.38 7.77
N LEU A 201 12.44 -3.33 9.09
CA LEU A 201 13.76 -3.07 9.66
C LEU A 201 14.30 -4.24 10.48
N ASP A 202 13.72 -5.42 10.35
CA ASP A 202 14.20 -6.57 11.11
C ASP A 202 15.09 -7.43 10.22
N SER A 203 15.61 -8.51 10.80
CA SER A 203 16.61 -9.33 10.10
C SER A 203 16.18 -9.71 8.69
N ASP A 204 14.97 -10.25 8.54
CA ASP A 204 14.51 -10.72 7.23
C ASP A 204 13.69 -9.69 6.47
N GLY A 205 13.55 -8.48 7.01
CA GLY A 205 12.82 -7.45 6.31
C GLY A 205 11.34 -7.72 6.14
N SER A 206 10.79 -8.66 6.91
CA SER A 206 9.37 -8.94 6.88
C SER A 206 8.60 -8.13 7.90
N GLY A 207 9.25 -7.74 8.99
CA GLY A 207 8.60 -7.04 10.07
C GLY A 207 7.94 -7.93 11.11
N THR A 208 8.07 -9.25 10.99
CA THR A 208 7.48 -10.13 12.01
C THR A 208 8.16 -9.97 13.37
N SER A 209 9.37 -9.42 13.39
CA SER A 209 10.07 -9.10 14.63
C SER A 209 9.95 -7.61 14.90
N ASP A 210 9.64 -7.25 16.15
CA ASP A 210 9.66 -5.86 16.56
C ASP A 210 11.06 -5.35 16.91
N GLN A 211 12.09 -6.12 16.57
CA GLN A 211 13.49 -5.74 16.77
C GLN A 211 14.07 -5.26 15.45
N CYS A 212 14.87 -4.20 15.52
CA CYS A 212 15.58 -3.69 14.36
C CYS A 212 17.05 -4.08 14.45
N VAL A 213 17.64 -4.37 13.29
CA VAL A 213 18.99 -4.94 13.32
C VAL A 213 20.01 -3.88 13.78
N SER A 214 19.77 -2.61 13.46
CA SER A 214 20.63 -1.52 13.93
C SER A 214 19.85 -0.22 13.80
N SER A 215 20.40 0.83 14.40
CA SER A 215 19.76 2.15 14.33
C SER A 215 19.99 2.86 13.01
N THR A 216 20.75 2.28 12.08
CA THR A 216 20.96 2.87 10.77
C THR A 216 20.48 1.99 9.62
N VAL A 217 19.86 0.84 9.91
CA VAL A 217 19.53 -0.09 8.83
C VAL A 217 18.44 0.47 7.93
N GLY A 218 17.52 1.26 8.48
CA GLY A 218 16.49 1.87 7.65
C GLY A 218 17.08 2.72 6.55
N GLN A 219 18.04 3.58 6.92
N GLN A 219 18.06 3.56 6.90
CA GLN A 219 18.76 4.39 5.94
CA GLN A 219 18.71 4.39 5.90
C GLN A 219 19.46 3.51 4.91
C GLN A 219 19.48 3.53 4.89
N GLU A 220 20.21 2.51 5.37
CA GLU A 220 21.01 1.69 4.46
C GLU A 220 20.12 0.97 3.45
N ARG A 221 18.95 0.51 3.88
CA ARG A 221 18.09 -0.33 3.04
C ARG A 221 17.32 0.45 1.97
N VAL A 222 17.45 1.77 1.87
CA VAL A 222 16.72 2.55 0.87
C VAL A 222 17.63 3.30 -0.08
N VAL A 223 18.95 3.27 0.12
CA VAL A 223 19.88 4.00 -0.75
C VAL A 223 19.75 3.53 -2.19
N ASP A 224 19.93 2.22 -2.42
CA ASP A 224 19.93 1.68 -3.77
C ASP A 224 18.60 1.92 -4.47
N ALA A 225 17.48 1.76 -3.75
CA ALA A 225 16.18 2.04 -4.34
C ALA A 225 16.05 3.52 -4.72
N THR A 226 16.61 4.40 -3.90
CA THR A 226 16.57 5.84 -4.22
C THR A 226 17.34 6.14 -5.49
N THR A 227 18.61 5.69 -5.57
CA THR A 227 19.39 5.92 -6.77
C THR A 227 18.76 5.25 -7.99
N TRP A 228 18.04 4.14 -7.79
CA TRP A 228 17.32 3.55 -8.91
C TRP A 228 16.20 4.45 -9.39
N LEU A 229 15.47 5.06 -8.45
CA LEU A 229 14.42 6.00 -8.84
C LEU A 229 14.99 7.19 -9.60
N GLN A 230 16.04 7.80 -9.05
CA GLN A 230 16.66 8.96 -9.69
C GLN A 230 17.19 8.61 -11.08
N SER A 231 18.03 7.57 -11.16
CA SER A 231 18.70 7.22 -12.41
C SER A 231 17.70 6.96 -13.53
N ASN A 232 16.62 6.25 -13.24
CA ASN A 232 15.63 5.94 -14.26
C ASN A 232 14.52 6.98 -14.34
N GLY A 233 14.60 8.05 -13.54
CA GLY A 233 13.61 9.11 -13.59
C GLY A 233 12.23 8.66 -13.20
N LYS A 234 12.14 7.93 -12.10
CA LYS A 234 10.88 7.38 -11.64
C LYS A 234 10.50 8.00 -10.30
N LEU A 235 9.25 7.84 -9.91
CA LEU A 235 8.77 8.29 -8.62
C LEU A 235 8.41 7.09 -7.75
N GLY A 236 8.56 7.26 -6.44
CA GLY A 236 8.31 6.17 -5.52
C GLY A 236 7.59 6.65 -4.27
N ILE A 237 6.92 5.69 -3.62
CA ILE A 237 6.27 5.90 -2.34
C ILE A 237 6.55 4.68 -1.47
N LEU A 238 6.93 4.92 -0.21
CA LEU A 238 7.12 3.83 0.74
C LEU A 238 5.74 3.50 1.33
N GLY A 239 5.01 2.60 0.65
CA GLY A 239 3.64 2.27 0.99
C GLY A 239 3.43 1.45 2.24
N GLU A 240 4.49 0.84 2.76
CA GLU A 240 4.43 0.15 4.04
C GLU A 240 5.77 0.33 4.71
N PHE A 241 5.75 0.65 6.01
CA PHE A 241 6.93 0.57 6.84
C PHE A 241 6.44 0.55 8.29
N ALA A 242 7.33 0.13 9.20
CA ALA A 242 7.01 0.12 10.62
C ALA A 242 8.27 -0.28 11.38
N GLY A 243 8.21 -0.13 12.70
CA GLY A 243 9.28 -0.57 13.56
C GLY A 243 8.74 -0.75 14.96
N GLY A 244 9.40 -1.62 15.71
CA GLY A 244 8.99 -1.87 17.08
C GLY A 244 9.14 -0.66 17.98
N ALA A 245 8.33 -0.63 19.04
CA ALA A 245 8.32 0.49 19.98
C ALA A 245 9.48 0.37 20.96
N ASN A 246 10.69 0.53 20.41
CA ASN A 246 11.92 0.61 21.21
C ASN A 246 12.84 1.65 20.58
N SER A 247 13.88 2.03 21.34
CA SER A 247 14.72 3.16 20.95
C SER A 247 15.45 2.91 19.64
N VAL A 248 16.11 1.75 19.50
CA VAL A 248 16.88 1.46 18.30
C VAL A 248 15.99 1.54 17.06
N CYS A 249 14.79 0.98 17.14
CA CYS A 249 13.86 1.04 16.01
C CYS A 249 13.39 2.46 15.75
N GLU A 250 13.08 3.22 16.80
CA GLU A 250 12.63 4.60 16.62
C GLU A 250 13.70 5.42 15.90
N GLU A 251 14.97 5.25 16.28
CA GLU A 251 16.07 5.95 15.62
C GLU A 251 16.22 5.49 14.17
N ALA A 252 16.03 4.18 13.91
CA ALA A 252 16.15 3.71 12.52
C ALA A 252 15.04 4.28 11.64
N VAL A 253 13.81 4.29 12.13
CA VAL A 253 12.70 4.89 11.39
C VAL A 253 13.00 6.37 11.11
N GLU A 254 13.48 7.07 12.14
CA GLU A 254 13.83 8.48 12.00
C GLU A 254 14.85 8.70 10.89
N GLY A 255 15.94 7.93 10.90
CA GLY A 255 16.99 8.13 9.91
C GLY A 255 16.55 7.79 8.52
N MET A 256 15.78 6.71 8.36
CA MET A 256 15.24 6.36 7.05
C MET A 256 14.35 7.47 6.51
N LEU A 257 13.46 8.01 7.35
CA LEU A 257 12.56 9.06 6.88
C LEU A 257 13.32 10.36 6.58
N ASP A 258 14.37 10.65 7.35
CA ASP A 258 15.21 11.81 7.06
C ASP A 258 15.85 11.68 5.69
N TYR A 259 16.43 10.51 5.40
CA TYR A 259 17.03 10.27 4.08
C TYR A 259 15.99 10.44 2.97
N LEU A 260 14.86 9.72 3.09
CA LEU A 260 13.83 9.82 2.08
C LEU A 260 13.38 11.25 1.85
N ALA A 261 13.26 12.03 2.93
CA ALA A 261 12.86 13.42 2.81
C ALA A 261 13.92 14.24 2.10
N GLU A 262 15.20 13.96 2.38
CA GLU A 262 16.28 14.56 1.59
C GLU A 262 16.12 14.26 0.11
N ASN A 263 15.54 13.12 -0.23
CA ASN A 263 15.34 12.82 -1.65
C ASN A 263 13.88 12.86 -2.05
N SER A 264 13.15 13.89 -1.61
CA SER A 264 11.73 14.01 -1.91
C SER A 264 11.46 14.34 -3.37
N ASP A 265 12.50 14.56 -4.19
CA ASP A 265 12.27 14.72 -5.61
C ASP A 265 11.77 13.43 -6.25
N VAL A 266 12.17 12.28 -5.71
CA VAL A 266 11.70 10.98 -6.19
C VAL A 266 10.82 10.25 -5.19
N TRP A 267 10.93 10.55 -3.88
CA TRP A 267 10.13 9.90 -2.85
C TRP A 267 8.93 10.78 -2.49
N LEU A 268 7.74 10.34 -2.89
CA LEU A 268 6.52 11.14 -2.75
C LEU A 268 5.88 11.04 -1.37
N GLY A 269 6.30 10.12 -0.52
CA GLY A 269 5.76 10.02 0.81
C GLY A 269 5.77 8.60 1.32
N ALA A 270 5.05 8.38 2.42
CA ALA A 270 5.13 7.14 3.17
C ALA A 270 3.82 6.84 3.89
N SER A 271 3.57 5.56 4.15
CA SER A 271 2.43 5.17 4.97
C SER A 271 2.82 4.04 5.90
N TRP A 272 2.44 4.17 7.17
CA TRP A 272 2.76 3.22 8.21
C TRP A 272 1.90 1.96 8.09
N TRP A 273 2.48 0.84 8.49
CA TRP A 273 1.71 -0.40 8.64
C TRP A 273 1.66 -0.75 10.12
N SER A 274 0.48 -0.77 10.74
CA SER A 274 -0.81 -0.51 10.11
C SER A 274 -1.79 0.03 11.16
N ALA A 275 -2.87 0.68 10.73
CA ALA A 275 -3.95 1.07 11.62
C ALA A 275 -5.19 0.24 11.28
N GLY A 276 -6.26 0.43 12.07
CA GLY A 276 -7.47 -0.33 11.93
C GLY A 276 -8.00 -0.84 13.25
N PRO A 277 -9.23 -1.32 13.27
CA PRO A 277 -9.89 -1.64 14.55
C PRO A 277 -9.65 -3.02 15.11
N TRP A 278 -9.03 -3.94 14.36
CA TRP A 278 -8.82 -5.32 14.82
C TRP A 278 -7.34 -5.60 15.06
N TRP A 279 -6.55 -4.59 15.39
CA TRP A 279 -5.14 -4.78 15.67
C TRP A 279 -4.83 -4.85 17.16
N GLN A 280 -5.84 -4.91 18.02
CA GLN A 280 -5.62 -4.81 19.46
C GLN A 280 -4.49 -5.74 19.92
N ASP A 281 -3.38 -5.14 20.37
CA ASP A 281 -2.13 -5.72 20.87
C ASP A 281 -1.06 -5.91 19.80
N TYR A 282 -1.37 -5.61 18.53
CA TYR A 282 -0.39 -5.74 17.45
C TYR A 282 0.83 -4.87 17.72
N ILE A 283 2.02 -5.38 17.38
CA ILE A 283 3.26 -4.68 17.64
C ILE A 283 3.36 -3.34 16.93
N TYR A 284 2.57 -3.13 15.87
CA TYR A 284 2.69 -1.92 15.05
C TYR A 284 1.38 -1.13 14.96
N SER A 285 0.48 -1.29 15.92
CA SER A 285 -0.86 -0.74 15.77
C SER A 285 -0.84 0.79 15.84
N MET A 286 -1.17 1.44 14.72
CA MET A 286 -1.35 2.89 14.63
C MET A 286 -2.79 3.31 14.92
N GLU A 287 -3.61 2.42 15.46
CA GLU A 287 -5.01 2.76 15.70
C GLU A 287 -5.13 3.58 16.97
N PRO A 288 -5.68 4.80 16.91
CA PRO A 288 -5.92 5.57 18.12
C PRO A 288 -7.07 4.93 18.89
N PRO A 289 -7.16 5.17 20.21
CA PRO A 289 -6.26 6.05 20.97
C PRO A 289 -5.11 5.32 21.65
N ASN A 290 -5.14 3.98 21.66
CA ASN A 290 -4.24 3.20 22.51
C ASN A 290 -3.36 2.22 21.75
N GLY A 291 -3.30 2.31 20.42
CA GLY A 291 -2.38 1.46 19.68
C GLY A 291 -0.93 1.74 20.06
N ILE A 292 -0.11 0.68 20.07
CA ILE A 292 1.26 0.81 20.57
C ILE A 292 2.06 1.78 19.70
N ALA A 293 1.98 1.62 18.37
CA ALA A 293 2.70 2.51 17.47
C ALA A 293 2.05 3.89 17.43
N TYR A 294 0.75 3.98 17.73
CA TYR A 294 0.13 5.28 17.82
C TYR A 294 0.64 6.04 19.05
N GLU A 295 0.83 5.33 20.17
CA GLU A 295 1.34 5.97 21.37
C GLU A 295 2.82 6.29 21.27
N SER A 296 3.60 5.45 20.59
CA SER A 296 5.05 5.55 20.61
C SER A 296 5.66 6.22 19.39
N TYR A 297 4.94 6.28 18.26
CA TYR A 297 5.48 6.78 17.01
C TYR A 297 4.79 8.02 16.47
N LEU A 298 3.57 8.34 16.93
CA LEU A 298 2.85 9.48 16.35
C LEU A 298 3.65 10.78 16.49
N SER A 299 4.25 11.01 17.66
CA SER A 299 5.04 12.23 17.86
C SER A 299 6.24 12.29 16.93
N ILE A 300 6.82 11.13 16.59
CA ILE A 300 7.92 11.12 15.62
C ILE A 300 7.40 11.41 14.22
N LEU A 301 6.37 10.68 13.80
CA LEU A 301 5.86 10.80 12.44
C LEU A 301 5.30 12.18 12.15
N GLU A 302 4.69 12.84 13.13
CA GLU A 302 4.01 14.10 12.84
C GLU A 302 4.98 15.22 12.50
N THR A 303 6.27 15.04 12.80
CA THR A 303 7.28 15.99 12.35
C THR A 303 7.27 16.15 10.83
N TYR A 304 7.00 15.06 10.11
CA TYR A 304 7.07 15.06 8.67
C TYR A 304 5.75 15.38 7.98
N PHE A 305 4.66 15.54 8.73
CA PHE A 305 3.35 15.81 8.12
C PHE A 305 3.36 17.14 7.38
C1 NAG B . -14.19 3.70 16.31
C2 NAG B . -14.65 2.70 17.37
C3 NAG B . -15.14 3.42 18.62
C4 NAG B . -14.13 4.46 19.09
C5 NAG B . -13.83 5.41 17.94
C6 NAG B . -12.84 6.52 18.33
C7 NAG B . -15.39 0.75 16.15
C8 NAG B . -14.10 0.08 16.46
N2 NAG B . -15.68 1.86 16.82
O3 NAG B . -15.42 2.47 19.65
O4 NAG B . -14.63 5.23 20.19
O5 NAG B . -13.28 4.66 16.86
O6 NAG B . -11.66 5.95 18.91
O7 NAG B . -16.16 0.26 15.32
C1 NAG B . -13.86 5.35 21.40
C2 NAG B . -14.26 6.47 22.35
C3 NAG B . -13.24 6.58 23.47
C4 NAG B . -13.09 5.23 24.17
C5 NAG B . -12.81 4.12 23.17
C6 NAG B . -12.76 2.75 23.84
C7 NAG B . -15.56 8.16 21.20
C8 NAG B . -15.58 9.51 20.55
N2 NAG B . -14.38 7.73 21.61
O3 NAG B . -13.66 7.59 24.40
O4 NAG B . -11.99 5.28 25.08
O5 NAG B . -13.78 4.11 22.11
O6 NAG B . -14.10 2.29 24.12
O7 NAG B . -16.57 7.48 21.33
C1 BMA B . -11.91 5.76 26.45
C2 BMA B . -10.83 5.09 27.28
C3 BMA B . -11.00 5.46 28.74
C4 BMA B . -10.95 6.97 28.88
C5 BMA B . -11.84 7.70 27.90
C6 BMA B . -11.25 9.09 27.89
O2 BMA B . -9.56 5.52 26.80
O3 BMA B . -9.92 4.90 29.50
O4 BMA B . -11.39 7.34 30.19
O5 BMA B . -11.80 7.18 26.55
O6 BMA B . -11.94 9.97 27.01
#